data_6QDC
#
_entry.id   6QDC
#
_cell.length_a   47.672
_cell.length_b   90.638
_cell.length_c   53.113
_cell.angle_alpha   90.00
_cell.angle_beta   111.75
_cell.angle_gamma   90.00
#
_symmetry.space_group_name_H-M   'P 1 21 1'
#
loop_
_entity.id
_entity.type
_entity.pdbx_description
1 polymer 'Glycylpeptide N-tetradecanoyltransferase'
2 non-polymer TETRADECANOYL-COA
3 non-polymer 'MAGNESIUM ION'
4 non-polymer 3-[[2-[(1-ethylpiperidin-4-yl)-methyl-amino]thieno[3,2-d]pyrimidin-4-yl]-methyl-amino]propanenitrile
5 water water
#
_entity_poly.entity_id   1
_entity_poly.type   'polypeptide(L)'
_entity_poly.pdbx_seq_one_letter_code
;MSRNPSNSDAAHAFWSTQPVPQTEDETEKIVFAGPMDEPKTVADIPEEPYPIASTFEWWTPNMEAADDIHAIYELLRDNY
VEDDDSMFRFNYSEEFLQWALCPPNYIPDWHVAVRRKADKKLLAFIAGVPVTLRMGTPKYMKVKAQEKGEGEEAAKYDEP
RHICEINFLCVHKQLREKRLAPILIKEATRRVNRTNVWQAVYTAGVLLPTPYASGQYFHRSLNPEKLVEIRFSGIPAQYQ
KFQNPMAMLKRNYQLPSAPKNSGLREMKPSDVPQVRRILMNYLDSFDVGPVFSDAEISHYLLPRDGVVFTYVVENDKKVT
DFFSFYRIPSTVIGNSNYNLLNAAYVHYYAATSIPLHQLILDLLIVAHSRGFDVCNMVEILDNRSFVEQLKFGAGDGHLR
YYFYNWAYPKIKPSQVALVML
;
_entity_poly.pdbx_strand_id   A
#
loop_
_chem_comp.id
_chem_comp.type
_chem_comp.name
_chem_comp.formula
HXE non-polymer 3-[[2-[(1-ethylpiperidin-4-yl)-methyl-amino]thieno[3,2-d]pyrimidin-4-yl]-methyl-amino]propanenitrile 'C18 H26 N6 S'
MG non-polymer 'MAGNESIUM ION' 'Mg 2'
MYA non-polymer TETRADECANOYL-COA 'C35 H62 N7 O17 P3 S'
#
# COMPACT_ATOMS: atom_id res chain seq x y z
N ALA A 11 -10.09 20.14 17.70
CA ALA A 11 -8.80 19.48 17.40
C ALA A 11 -8.74 19.03 15.94
N HIS A 12 -9.83 18.45 15.41
CA HIS A 12 -9.83 18.14 13.97
C HIS A 12 -10.98 18.84 13.25
N ALA A 13 -10.76 20.06 12.76
CA ALA A 13 -11.84 20.84 12.17
C ALA A 13 -12.41 20.16 10.95
N PHE A 14 -11.62 19.32 10.24
CA PHE A 14 -12.18 18.59 9.11
C PHE A 14 -12.66 17.21 9.55
N TRP A 15 -11.75 16.39 10.15
CA TRP A 15 -12.07 15.01 10.43
C TRP A 15 -13.22 14.82 11.41
N SER A 16 -13.48 15.83 12.27
CA SER A 16 -14.65 15.79 13.14
C SER A 16 -15.97 15.88 12.38
N THR A 17 -15.95 16.29 11.11
CA THR A 17 -17.20 16.48 10.32
C THR A 17 -17.47 15.24 9.46
N GLN A 18 -16.58 14.24 9.53
CA GLN A 18 -16.59 13.10 8.58
C GLN A 18 -17.08 11.81 9.21
N PRO A 19 -17.63 10.86 8.41
CA PRO A 19 -18.15 9.61 8.96
C PRO A 19 -17.05 8.59 9.22
N VAL A 20 -16.24 8.91 10.23
CA VAL A 20 -15.16 8.04 10.69
C VAL A 20 -15.26 7.96 12.21
N PRO A 21 -14.73 6.90 12.84
CA PRO A 21 -14.72 6.82 14.30
C PRO A 21 -13.86 7.99 14.81
N GLN A 22 -14.31 8.62 15.91
CA GLN A 22 -13.69 9.87 16.30
C GLN A 22 -12.63 9.65 17.38
N THR A 23 -12.72 8.53 18.11
CA THR A 23 -11.69 8.26 19.12
C THR A 23 -11.32 6.79 19.15
N GLU A 24 -10.17 6.51 19.79
CA GLU A 24 -9.70 5.16 20.05
C GLU A 24 -10.75 4.38 20.83
N ASP A 25 -11.35 5.04 21.82
CA ASP A 25 -12.33 4.38 22.68
C ASP A 25 -13.45 3.85 21.82
N GLU A 26 -13.94 4.70 20.92
CA GLU A 26 -15.07 4.38 20.06
C GLU A 26 -14.78 3.11 19.26
N THR A 27 -13.58 3.02 18.66
CA THR A 27 -13.15 1.88 17.87
C THR A 27 -13.02 0.62 18.74
N GLU A 28 -12.61 0.83 20.00
CA GLU A 28 -12.51 -0.19 21.04
C GLU A 28 -13.88 -0.82 21.30
N LYS A 29 -14.95 -0.02 21.16
CA LYS A 29 -16.31 -0.46 21.50
C LYS A 29 -17.04 -1.15 20.33
N ILE A 30 -16.53 -1.02 19.08
CA ILE A 30 -17.26 -1.49 17.90
C ILE A 30 -17.18 -3.01 17.88
N VAL A 31 -18.35 -3.64 17.65
CA VAL A 31 -18.41 -5.08 17.66
C VAL A 31 -18.83 -5.63 16.28
N PHE A 32 -19.52 -4.85 15.45
CA PHE A 32 -19.98 -5.33 14.15
C PHE A 32 -19.51 -4.42 13.03
N ALA A 33 -19.16 -4.99 11.88
CA ALA A 33 -18.86 -4.15 10.74
C ALA A 33 -20.16 -3.51 10.25
N GLY A 34 -20.11 -2.30 9.74
CA GLY A 34 -21.24 -1.74 9.00
C GLY A 34 -21.05 -0.25 8.76
N PRO A 35 -21.93 0.43 7.99
CA PRO A 35 -21.80 1.84 7.62
C PRO A 35 -21.97 2.77 8.80
N MET A 36 -21.37 3.96 8.70
CA MET A 36 -21.58 4.94 9.75
CA MET A 36 -21.53 4.97 9.74
C MET A 36 -22.68 5.91 9.38
N ASP A 37 -22.70 6.40 8.14
CA ASP A 37 -23.65 7.44 7.70
C ASP A 37 -24.99 6.83 7.35
N GLU A 38 -26.00 7.70 7.32
CA GLU A 38 -27.33 7.31 6.86
CA GLU A 38 -27.33 7.28 6.88
C GLU A 38 -27.27 6.90 5.39
N PRO A 39 -28.17 5.98 4.94
CA PRO A 39 -28.26 5.59 3.54
C PRO A 39 -28.57 6.80 2.67
N LYS A 40 -27.82 6.91 1.59
CA LYS A 40 -28.05 7.97 0.64
C LYS A 40 -28.07 7.34 -0.76
N THR A 41 -28.59 8.08 -1.74
CA THR A 41 -28.64 7.65 -3.13
C THR A 41 -27.71 8.55 -3.93
N VAL A 42 -27.33 8.15 -5.15
CA VAL A 42 -26.60 8.99 -6.08
C VAL A 42 -27.38 10.30 -6.30
N ALA A 43 -28.71 10.20 -6.31
CA ALA A 43 -29.55 11.38 -6.56
C ALA A 43 -29.40 12.44 -5.47
N ASP A 44 -29.05 11.99 -4.26
CA ASP A 44 -28.86 12.93 -3.17
C ASP A 44 -27.55 13.69 -3.26
N ILE A 45 -26.59 13.23 -4.07
CA ILE A 45 -25.25 13.80 -4.06
C ILE A 45 -25.22 14.91 -5.08
N PRO A 46 -24.66 16.09 -4.67
CA PRO A 46 -24.51 17.21 -5.59
C PRO A 46 -23.94 16.78 -6.94
N GLU A 47 -24.62 17.20 -7.99
CA GLU A 47 -24.14 16.97 -9.33
C GLU A 47 -22.97 17.86 -9.78
N GLU A 48 -22.83 19.05 -9.16
CA GLU A 48 -21.82 20.02 -9.53
CA GLU A 48 -21.85 20.10 -9.46
C GLU A 48 -20.62 19.79 -8.63
N PRO A 49 -19.40 20.06 -9.14
CA PRO A 49 -18.19 19.92 -8.34
C PRO A 49 -18.24 20.76 -7.07
N TYR A 50 -17.57 20.27 -6.05
CA TYR A 50 -17.46 21.03 -4.81
C TYR A 50 -16.89 22.41 -5.12
N PRO A 51 -17.34 23.49 -4.45
CA PRO A 51 -16.78 24.80 -4.71
C PRO A 51 -15.30 24.92 -4.45
N ILE A 52 -14.64 25.72 -5.27
CA ILE A 52 -13.22 25.94 -5.13
C ILE A 52 -12.94 27.40 -5.54
N ALA A 53 -11.87 27.97 -4.95
CA ALA A 53 -11.50 29.36 -5.15
C ALA A 53 -11.37 29.64 -6.64
N SER A 54 -11.65 30.89 -6.98
CA SER A 54 -11.79 31.28 -8.36
C SER A 54 -10.46 31.21 -9.09
N THR A 55 -9.34 31.22 -8.36
CA THR A 55 -8.03 31.12 -8.98
C THR A 55 -7.63 29.67 -9.28
N PHE A 56 -8.42 28.68 -8.83
CA PHE A 56 -8.10 27.27 -9.04
C PHE A 56 -9.17 26.60 -9.89
N GLU A 57 -8.88 25.38 -10.37
CA GLU A 57 -9.85 24.61 -11.13
C GLU A 57 -9.60 23.14 -10.85
N TRP A 58 -10.66 22.36 -10.85
CA TRP A 58 -10.56 20.91 -10.83
C TRP A 58 -10.06 20.44 -12.18
N TRP A 59 -9.25 19.39 -12.18
CA TRP A 59 -8.73 18.76 -13.40
C TRP A 59 -8.71 17.26 -13.24
N THR A 60 -9.24 16.52 -14.20
CA THR A 60 -9.19 15.07 -14.18
C THR A 60 -8.11 14.64 -15.15
N PRO A 61 -6.93 14.19 -14.66
CA PRO A 61 -5.82 13.80 -15.56
C PRO A 61 -6.22 12.52 -16.26
N ASN A 62 -5.66 12.31 -17.46
CA ASN A 62 -5.81 11.04 -18.14
C ASN A 62 -4.61 10.14 -17.88
N MET A 63 -4.92 9.16 -17.06
CA MET A 63 -3.76 8.32 -16.43
CA MET A 63 -3.95 8.21 -16.46
C MET A 63 -3.04 7.31 -17.31
N GLU A 64 -3.62 7.29 -18.50
CA GLU A 64 -3.11 6.47 -19.59
CA GLU A 64 -3.13 6.47 -19.59
C GLU A 64 -2.22 7.30 -20.49
N ALA A 65 -2.39 8.65 -20.46
CA ALA A 65 -1.67 9.54 -21.35
C ALA A 65 -0.33 9.89 -20.72
N ALA A 66 0.76 9.50 -21.39
CA ALA A 66 2.12 9.74 -20.89
C ALA A 66 2.30 11.13 -20.29
N ASP A 67 1.84 12.18 -20.97
CA ASP A 67 2.16 13.51 -20.49
C ASP A 67 1.42 13.86 -19.19
N ASP A 68 0.19 13.39 -19.03
CA ASP A 68 -0.54 13.67 -17.80
C ASP A 68 0.07 12.87 -16.65
N ILE A 69 0.42 11.61 -16.90
CA ILE A 69 1.18 10.88 -15.89
C ILE A 69 2.46 11.64 -15.55
N HIS A 70 3.17 12.17 -16.55
CA HIS A 70 4.36 12.92 -16.21
C HIS A 70 4.09 14.09 -15.27
N ALA A 71 3.02 14.86 -15.50
CA ALA A 71 2.70 16.00 -14.68
C ALA A 71 2.43 15.55 -13.24
N ILE A 72 1.68 14.47 -13.05
CA ILE A 72 1.43 13.93 -11.72
CA ILE A 72 1.45 13.94 -11.71
C ILE A 72 2.74 13.43 -11.10
N TYR A 73 3.57 12.74 -11.91
CA TYR A 73 4.87 12.25 -11.46
C TYR A 73 5.70 13.42 -10.91
N GLU A 74 5.71 14.58 -11.59
CA GLU A 74 6.53 15.70 -11.15
CA GLU A 74 6.59 15.64 -11.09
C GLU A 74 6.04 16.25 -9.80
N LEU A 75 4.71 16.40 -9.65
CA LEU A 75 4.14 16.87 -8.39
C LEU A 75 4.56 15.95 -7.25
N LEU A 76 4.45 14.64 -7.47
CA LEU A 76 4.78 13.74 -6.38
C LEU A 76 6.28 13.70 -6.10
N ARG A 77 7.08 13.70 -7.18
CA ARG A 77 8.54 13.71 -7.02
C ARG A 77 8.98 14.85 -6.08
N ASP A 78 8.38 16.03 -6.28
CA ASP A 78 8.86 17.19 -5.57
C ASP A 78 8.09 17.48 -4.29
N ASN A 79 6.94 16.83 -4.05
CA ASN A 79 6.06 17.27 -2.95
C ASN A 79 5.42 16.12 -2.16
N TYR A 80 5.69 14.88 -2.52
CA TYR A 80 5.07 13.75 -1.80
C TYR A 80 5.82 13.44 -0.50
N VAL A 81 5.52 12.28 0.11
CA VAL A 81 5.95 12.10 1.50
C VAL A 81 7.48 12.07 1.62
N GLU A 82 7.95 12.79 2.66
CA GLU A 82 9.36 12.78 3.03
C GLU A 82 9.46 12.58 4.52
N ASP A 83 10.63 12.13 4.96
CA ASP A 83 10.84 11.94 6.38
C ASP A 83 10.96 13.31 7.07
N ASP A 84 10.90 13.27 8.42
CA ASP A 84 10.93 14.52 9.17
C ASP A 84 12.25 15.28 9.05
N ASP A 85 13.35 14.55 8.71
CA ASP A 85 14.61 15.27 8.56
C ASP A 85 14.90 15.63 7.11
N SER A 86 13.88 15.46 6.27
CA SER A 86 14.00 15.85 4.86
C SER A 86 15.25 15.26 4.17
N MET A 87 15.48 13.96 4.37
CA MET A 87 16.58 13.21 3.77
CA MET A 87 16.58 13.21 3.77
C MET A 87 16.11 12.38 2.58
N PHE A 88 14.86 11.89 2.65
CA PHE A 88 14.38 10.98 1.61
C PHE A 88 12.95 11.40 1.25
N ARG A 89 12.68 11.42 -0.04
CA ARG A 89 11.30 11.73 -0.52
C ARG A 89 10.94 10.65 -1.55
N PHE A 90 9.75 10.07 -1.45
CA PHE A 90 9.44 9.07 -2.47
C PHE A 90 9.48 9.64 -3.88
N ASN A 91 9.93 8.75 -4.79
CA ASN A 91 10.03 9.06 -6.22
C ASN A 91 9.38 7.93 -7.04
N TYR A 92 8.10 7.76 -6.80
CA TYR A 92 7.34 6.77 -7.58
C TYR A 92 7.51 7.04 -9.07
N SER A 93 7.75 6.00 -9.86
CA SER A 93 8.07 6.27 -11.27
C SER A 93 6.79 6.45 -12.08
N GLU A 94 6.94 7.04 -13.27
CA GLU A 94 5.79 7.18 -14.14
C GLU A 94 5.16 5.83 -14.46
N GLU A 95 5.98 4.81 -14.71
CA GLU A 95 5.48 3.48 -15.01
C GLU A 95 4.71 2.87 -13.82
N PHE A 96 5.25 3.13 -12.62
CA PHE A 96 4.54 2.65 -11.44
C PHE A 96 3.20 3.34 -11.29
N LEU A 97 3.18 4.68 -11.53
CA LEU A 97 1.93 5.40 -11.34
C LEU A 97 0.88 4.93 -12.34
N GLN A 98 1.28 4.64 -13.60
CA GLN A 98 0.25 4.16 -14.52
CA GLN A 98 0.26 4.15 -14.54
C GLN A 98 -0.30 2.81 -14.06
N TRP A 99 0.60 1.92 -13.60
CA TRP A 99 0.21 0.63 -13.02
C TRP A 99 -0.76 0.77 -11.84
N ALA A 100 -0.39 1.63 -10.88
CA ALA A 100 -1.18 1.72 -9.66
C ALA A 100 -2.54 2.40 -9.89
N LEU A 101 -2.56 3.34 -10.83
CA LEU A 101 -3.78 4.11 -10.89
CA LEU A 101 -3.64 4.28 -11.08
C LEU A 101 -4.71 3.66 -12.00
N CYS A 102 -4.27 2.73 -12.86
CA CYS A 102 -5.20 2.23 -13.90
C CYS A 102 -5.36 0.71 -13.89
N PRO A 103 -5.80 0.12 -12.77
CA PRO A 103 -6.09 -1.32 -12.73
C PRO A 103 -7.36 -1.57 -13.52
N PRO A 104 -7.75 -2.85 -13.67
CA PRO A 104 -8.95 -3.21 -14.42
C PRO A 104 -10.15 -2.46 -13.87
N ASN A 105 -10.93 -1.91 -14.80
CA ASN A 105 -12.20 -1.26 -14.47
C ASN A 105 -12.01 0.00 -13.63
N TYR A 106 -10.85 0.63 -13.72
CA TYR A 106 -10.68 1.85 -12.97
C TYR A 106 -11.64 2.93 -13.48
N ILE A 107 -11.96 3.89 -12.62
CA ILE A 107 -12.88 4.97 -12.95
CA ILE A 107 -12.89 4.98 -12.90
C ILE A 107 -12.05 6.24 -13.13
N PRO A 108 -11.91 6.78 -14.37
CA PRO A 108 -11.09 7.97 -14.56
C PRO A 108 -11.44 9.14 -13.64
N ASP A 109 -12.74 9.30 -13.38
CA ASP A 109 -13.18 10.46 -12.62
C ASP A 109 -12.70 10.38 -11.16
N TRP A 110 -12.28 9.19 -10.68
CA TRP A 110 -11.76 9.11 -9.31
C TRP A 110 -10.35 9.64 -9.18
N HIS A 111 -9.70 9.98 -10.27
CA HIS A 111 -8.46 10.65 -10.07
CA HIS A 111 -8.37 10.69 -10.15
C HIS A 111 -8.61 12.27 -10.24
N VAL A 112 -8.34 12.90 -9.09
CA VAL A 112 -8.77 14.29 -8.92
C VAL A 112 -7.55 15.17 -8.72
N ALA A 113 -7.40 16.25 -9.50
CA ALA A 113 -6.34 17.20 -9.35
C ALA A 113 -6.91 18.61 -9.26
N VAL A 114 -6.11 19.46 -8.66
CA VAL A 114 -6.31 20.90 -8.68
C VAL A 114 -5.18 21.53 -9.45
N ARG A 115 -5.54 22.49 -10.33
CA ARG A 115 -4.54 23.27 -11.04
C ARG A 115 -4.80 24.77 -10.85
N ARG A 116 -3.75 25.59 -10.94
CA ARG A 116 -3.88 27.03 -10.90
CA ARG A 116 -3.85 27.04 -10.90
C ARG A 116 -4.30 27.47 -12.29
N LYS A 117 -5.42 28.20 -12.39
CA LYS A 117 -6.08 28.40 -13.67
C LYS A 117 -5.22 29.16 -14.68
N ALA A 118 -4.41 30.10 -14.21
CA ALA A 118 -3.58 30.89 -15.11
C ALA A 118 -2.66 29.98 -15.94
N ASP A 119 -1.57 29.49 -15.34
CA ASP A 119 -0.55 28.69 -15.99
C ASP A 119 -0.94 27.20 -16.05
N LYS A 120 -2.02 26.84 -15.37
CA LYS A 120 -2.36 25.44 -15.20
C LYS A 120 -1.25 24.70 -14.44
N LYS A 121 -0.53 25.37 -13.51
CA LYS A 121 0.40 24.56 -12.72
CA LYS A 121 0.40 24.70 -12.59
C LYS A 121 -0.39 23.66 -11.78
N LEU A 122 0.06 22.40 -11.74
CA LEU A 122 -0.53 21.35 -10.92
C LEU A 122 -0.21 21.60 -9.44
N LEU A 123 -1.25 21.72 -8.60
CA LEU A 123 -1.09 22.16 -7.22
C LEU A 123 -1.44 21.02 -6.25
N ALA A 124 -2.28 20.07 -6.66
CA ALA A 124 -2.72 19.03 -5.71
C ALA A 124 -3.31 17.84 -6.46
N PHE A 125 -3.30 16.66 -5.80
CA PHE A 125 -3.80 15.44 -6.39
C PHE A 125 -4.32 14.50 -5.30
N ILE A 126 -5.27 13.66 -5.67
CA ILE A 126 -5.65 12.50 -4.86
C ILE A 126 -6.18 11.46 -5.84
N ALA A 127 -5.97 10.19 -5.53
CA ALA A 127 -6.40 9.16 -6.47
C ALA A 127 -7.21 8.07 -5.78
N GLY A 128 -8.34 7.69 -6.38
CA GLY A 128 -9.08 6.51 -5.96
C GLY A 128 -9.07 5.44 -7.03
N VAL A 129 -8.99 4.18 -6.60
CA VAL A 129 -9.10 3.05 -7.53
C VAL A 129 -10.07 2.06 -6.94
N PRO A 130 -10.73 1.21 -7.75
CA PRO A 130 -11.63 0.19 -7.23
C PRO A 130 -10.84 -0.91 -6.49
N VAL A 131 -11.43 -1.46 -5.44
CA VAL A 131 -10.92 -2.68 -4.83
C VAL A 131 -12.16 -3.43 -4.37
N THR A 132 -12.10 -4.75 -4.47
CA THR A 132 -13.12 -5.63 -3.93
C THR A 132 -12.59 -6.16 -2.61
N LEU A 133 -13.22 -5.74 -1.51
CA LEU A 133 -12.59 -5.97 -0.21
C LEU A 133 -13.53 -6.79 0.66
N ARG A 134 -12.97 -7.79 1.35
CA ARG A 134 -13.69 -8.46 2.46
C ARG A 134 -13.47 -7.56 3.68
N MET A 135 -14.56 -7.07 4.26
CA MET A 135 -14.51 -6.09 5.32
C MET A 135 -15.69 -6.29 6.30
N GLY A 136 -16.14 -7.56 6.36
CA GLY A 136 -17.16 -7.89 7.37
C GLY A 136 -16.56 -8.15 8.72
N THR A 137 -17.45 -8.41 9.70
CA THR A 137 -17.03 -8.54 11.06
C THR A 137 -15.93 -9.59 11.20
N PRO A 138 -14.83 -9.26 11.90
CA PRO A 138 -13.72 -10.21 12.07
C PRO A 138 -14.07 -11.49 12.83
N LYS A 139 -13.22 -12.52 12.68
CA LYS A 139 -13.42 -13.78 13.40
C LYS A 139 -13.67 -13.61 14.90
N TYR A 140 -12.78 -12.89 15.63
CA TYR A 140 -12.85 -12.79 17.09
C TYR A 140 -14.20 -12.17 17.49
N MET A 141 -14.78 -11.31 16.64
CA MET A 141 -16.05 -10.67 16.96
C MET A 141 -17.26 -11.52 16.52
N LYS A 142 -17.14 -12.35 15.46
CA LYS A 142 -18.22 -13.25 15.09
C LYS A 142 -18.43 -14.31 16.19
N VAL A 143 -17.33 -14.68 16.89
CA VAL A 143 -17.41 -15.59 18.03
C VAL A 143 -18.14 -14.92 19.20
N LYS A 144 -17.81 -13.68 19.53
CA LYS A 144 -18.54 -13.01 20.60
C LYS A 144 -20.02 -12.96 20.24
N ALA A 145 -20.31 -12.77 18.96
CA ALA A 145 -21.68 -12.60 18.51
C ALA A 145 -22.45 -13.91 18.65
N GLN A 146 -21.83 -15.04 18.30
CA GLN A 146 -22.37 -16.37 18.50
C GLN A 146 -22.76 -16.56 19.98
N GLU A 147 -21.87 -16.15 20.90
CA GLU A 147 -22.03 -16.34 22.35
C GLU A 147 -23.19 -15.49 22.88
N LYS A 148 -23.58 -14.47 22.13
CA LYS A 148 -24.56 -13.54 22.62
C LYS A 148 -25.85 -13.69 21.81
N GLY A 149 -25.92 -14.67 20.87
CA GLY A 149 -27.15 -14.73 20.09
C GLY A 149 -27.29 -13.61 19.06
N GLU A 150 -26.15 -13.02 18.62
CA GLU A 150 -26.10 -11.88 17.72
C GLU A 150 -25.36 -12.21 16.40
N GLY A 151 -25.43 -13.47 15.93
CA GLY A 151 -24.79 -13.83 14.65
C GLY A 151 -25.33 -13.13 13.40
N GLU A 152 -26.62 -12.85 13.36
CA GLU A 152 -27.24 -12.26 12.17
CA GLU A 152 -27.26 -12.26 12.19
C GLU A 152 -26.71 -10.85 11.95
N GLU A 153 -26.68 -10.06 13.02
CA GLU A 153 -26.11 -8.71 12.98
C GLU A 153 -24.63 -8.80 12.54
N ALA A 154 -23.88 -9.72 13.15
CA ALA A 154 -22.43 -9.83 12.87
C ALA A 154 -22.14 -10.22 11.41
N ALA A 155 -23.07 -10.93 10.75
CA ALA A 155 -22.81 -11.41 9.41
C ALA A 155 -23.35 -10.53 8.30
N LYS A 156 -24.06 -9.45 8.64
CA LYS A 156 -24.81 -8.69 7.63
C LYS A 156 -23.95 -8.23 6.45
N TYR A 157 -22.67 -7.89 6.71
CA TYR A 157 -21.79 -7.27 5.74
CA TYR A 157 -21.86 -7.35 5.62
C TYR A 157 -20.65 -8.22 5.36
N ASP A 158 -20.88 -9.52 5.39
CA ASP A 158 -19.86 -10.51 5.11
C ASP A 158 -19.45 -10.50 3.65
N GLU A 159 -20.36 -10.13 2.73
CA GLU A 159 -20.09 -10.25 1.30
C GLU A 159 -18.94 -9.30 0.92
N PRO A 160 -17.97 -9.70 0.09
CA PRO A 160 -16.94 -8.75 -0.39
C PRO A 160 -17.65 -7.54 -0.98
N ARG A 161 -17.13 -6.33 -0.73
CA ARG A 161 -17.74 -5.09 -1.18
C ARG A 161 -16.85 -4.42 -2.21
N HIS A 162 -17.44 -3.84 -3.25
CA HIS A 162 -16.75 -3.03 -4.24
C HIS A 162 -16.65 -1.60 -3.75
N ILE A 163 -15.44 -1.24 -3.28
CA ILE A 163 -15.25 0.07 -2.66
C ILE A 163 -14.12 0.84 -3.38
N CYS A 164 -13.68 1.95 -2.74
CA CYS A 164 -12.62 2.81 -3.26
C CYS A 164 -11.38 2.67 -2.38
N GLU A 165 -10.19 2.49 -2.99
CA GLU A 165 -8.94 2.62 -2.28
CA GLU A 165 -8.94 2.64 -2.26
C GLU A 165 -8.31 3.97 -2.65
N ILE A 166 -8.00 4.76 -1.62
CA ILE A 166 -7.40 6.09 -1.83
C ILE A 166 -5.89 6.06 -1.64
N ASN A 167 -5.17 6.80 -2.49
CA ASN A 167 -3.71 6.88 -2.38
C ASN A 167 -3.26 8.20 -3.01
N PHE A 168 -1.98 8.56 -2.79
CA PHE A 168 -1.33 9.65 -3.50
C PHE A 168 -1.92 11.03 -3.22
N LEU A 169 -2.51 11.24 -2.03
CA LEU A 169 -2.91 12.58 -1.64
C LEU A 169 -1.67 13.44 -1.54
N CYS A 170 -1.70 14.60 -2.20
CA CYS A 170 -0.51 15.46 -2.24
C CYS A 170 -0.91 16.91 -2.48
N VAL A 171 -0.45 17.82 -1.64
CA VAL A 171 -0.59 19.26 -1.93
C VAL A 171 0.82 19.84 -2.08
N HIS A 172 1.00 20.71 -3.10
CA HIS A 172 2.29 21.31 -3.37
C HIS A 172 2.78 22.04 -2.11
N LYS A 173 4.10 21.98 -1.91
CA LYS A 173 4.62 22.59 -0.69
C LYS A 173 4.28 24.08 -0.53
N GLN A 174 4.15 24.82 -1.63
CA GLN A 174 3.83 26.24 -1.47
C GLN A 174 2.37 26.47 -1.04
N LEU A 175 1.52 25.45 -1.10
CA LEU A 175 0.10 25.63 -0.78
CA LEU A 175 0.09 25.61 -0.81
C LEU A 175 -0.26 24.90 0.50
N ARG A 176 0.74 24.50 1.29
CA ARG A 176 0.47 23.76 2.53
C ARG A 176 -0.26 24.61 3.57
N GLU A 177 -1.06 23.95 4.43
CA GLU A 177 -1.67 24.56 5.62
C GLU A 177 -2.67 25.62 5.19
N LYS A 178 -3.30 25.45 4.03
CA LYS A 178 -4.33 26.34 3.52
C LYS A 178 -5.71 25.68 3.41
N ARG A 179 -5.87 24.50 4.02
CA ARG A 179 -7.12 23.75 4.01
C ARG A 179 -7.49 23.24 2.62
N LEU A 180 -6.50 23.02 1.74
CA LEU A 180 -6.78 22.45 0.43
C LEU A 180 -7.03 20.96 0.52
N ALA A 181 -6.37 20.26 1.42
CA ALA A 181 -6.55 18.80 1.43
C ALA A 181 -8.00 18.45 1.75
N PRO A 182 -8.68 19.08 2.73
CA PRO A 182 -10.09 18.76 2.98
C PRO A 182 -10.98 18.96 1.72
N ILE A 183 -10.72 20.01 0.94
CA ILE A 183 -11.50 20.24 -0.27
C ILE A 183 -11.29 19.10 -1.28
N LEU A 184 -10.03 18.65 -1.46
CA LEU A 184 -9.74 17.55 -2.39
CA LEU A 184 -9.71 17.54 -2.35
C LEU A 184 -10.44 16.29 -1.89
N ILE A 185 -10.43 16.02 -0.59
CA ILE A 185 -11.06 14.84 -0.03
C ILE A 185 -12.57 14.91 -0.21
N LYS A 186 -13.19 16.10 -0.03
CA LYS A 186 -14.63 16.24 -0.26
CA LYS A 186 -14.63 16.20 -0.25
C LYS A 186 -15.00 15.98 -1.72
N GLU A 187 -14.23 16.55 -2.65
CA GLU A 187 -14.51 16.35 -4.06
C GLU A 187 -14.33 14.89 -4.45
N ALA A 188 -13.25 14.26 -4.01
CA ALA A 188 -13.09 12.84 -4.27
C ALA A 188 -14.26 12.04 -3.74
N THR A 189 -14.69 12.33 -2.47
CA THR A 189 -15.84 11.64 -1.91
C THR A 189 -17.09 11.81 -2.78
N ARG A 190 -17.29 13.05 -3.24
CA ARG A 190 -18.44 13.31 -4.08
C ARG A 190 -18.37 12.43 -5.36
N ARG A 191 -17.23 12.43 -6.03
CA ARG A 191 -17.10 11.65 -7.28
C ARG A 191 -17.32 10.16 -7.02
N VAL A 192 -16.83 9.62 -5.91
CA VAL A 192 -17.01 8.22 -5.59
C VAL A 192 -18.47 7.92 -5.28
N ASN A 193 -19.10 8.80 -4.48
CA ASN A 193 -20.51 8.65 -4.11
C ASN A 193 -21.39 8.74 -5.38
N ARG A 194 -21.02 9.58 -6.37
CA ARG A 194 -21.83 9.70 -7.58
CA ARG A 194 -21.79 9.72 -7.61
C ARG A 194 -21.79 8.40 -8.38
N THR A 195 -20.87 7.49 -8.03
CA THR A 195 -20.82 6.17 -8.67
C THR A 195 -21.39 5.10 -7.75
N ASN A 196 -22.14 5.47 -6.70
CA ASN A 196 -22.83 4.58 -5.82
C ASN A 196 -21.84 3.71 -5.02
N VAL A 197 -20.71 4.34 -4.61
CA VAL A 197 -19.77 3.72 -3.68
C VAL A 197 -19.67 4.66 -2.47
N TRP A 198 -19.72 4.03 -1.29
CA TRP A 198 -19.95 4.75 -0.06
C TRP A 198 -18.90 4.50 1.00
N GLN A 199 -17.97 3.56 0.73
CA GLN A 199 -16.84 3.33 1.63
C GLN A 199 -15.53 3.46 0.87
N ALA A 200 -14.50 3.79 1.67
CA ALA A 200 -13.12 3.76 1.14
C ALA A 200 -12.21 3.14 2.19
N VAL A 201 -11.05 2.68 1.68
CA VAL A 201 -10.00 2.24 2.55
C VAL A 201 -8.76 3.08 2.20
N TYR A 202 -7.99 3.45 3.23
CA TYR A 202 -6.78 4.26 2.99
C TYR A 202 -5.80 3.95 4.10
N THR A 203 -4.55 4.30 3.83
CA THR A 203 -3.49 4.13 4.85
C THR A 203 -2.74 5.45 4.95
N ALA A 204 -2.06 5.68 6.09
CA ALA A 204 -1.15 6.81 6.23
C ALA A 204 -0.15 6.46 7.33
N GLY A 205 1.01 7.10 7.27
CA GLY A 205 1.98 7.08 8.35
C GLY A 205 1.48 7.87 9.57
N VAL A 206 0.77 8.95 9.37
CA VAL A 206 0.34 9.80 10.47
C VAL A 206 -0.89 9.20 11.14
N LEU A 207 -1.08 9.59 12.39
CA LEU A 207 -2.26 9.21 13.15
C LEU A 207 -3.38 10.22 12.96
N LEU A 208 -4.49 9.72 12.41
CA LEU A 208 -5.70 10.48 12.18
C LEU A 208 -6.82 9.78 12.90
N PRO A 209 -8.03 10.40 13.02
CA PRO A 209 -9.16 9.63 13.55
C PRO A 209 -9.73 8.67 12.51
N THR A 210 -9.79 7.35 12.73
CA THR A 210 -9.17 6.58 13.80
C THR A 210 -8.78 5.27 13.14
N PRO A 211 -7.56 4.72 13.25
CA PRO A 211 -7.23 3.50 12.51
C PRO A 211 -7.96 2.29 13.06
N TYR A 212 -8.31 1.34 12.19
CA TYR A 212 -8.78 0.05 12.68
C TYR A 212 -7.63 -0.92 12.86
N ALA A 213 -6.42 -0.61 12.30
CA ALA A 213 -5.25 -1.45 12.52
C ALA A 213 -4.00 -0.62 12.29
N SER A 214 -2.88 -1.01 12.91
CA SER A 214 -1.61 -0.30 12.79
CA SER A 214 -1.61 -0.32 12.68
C SER A 214 -0.50 -1.34 12.79
N GLY A 215 0.50 -1.14 11.92
CA GLY A 215 1.64 -2.06 11.93
C GLY A 215 2.94 -1.32 11.78
N GLN A 216 4.00 -1.86 12.37
CA GLN A 216 5.31 -1.27 12.15
C GLN A 216 5.84 -1.63 10.78
N TYR A 217 6.66 -0.72 10.23
CA TYR A 217 7.51 -1.07 9.09
C TYR A 217 8.75 -1.85 9.51
N PHE A 218 9.18 -2.74 8.63
CA PHE A 218 10.41 -3.51 8.78
C PHE A 218 11.26 -3.29 7.54
N HIS A 219 12.57 -3.37 7.74
CA HIS A 219 13.55 -3.21 6.66
CA HIS A 219 13.51 -3.26 6.62
C HIS A 219 14.54 -4.36 6.71
N ARG A 220 14.99 -4.77 5.54
CA ARG A 220 16.03 -5.78 5.43
C ARG A 220 17.10 -5.18 4.55
N SER A 221 18.31 -4.90 5.13
CA SER A 221 19.40 -4.28 4.38
CA SER A 221 19.41 -4.29 4.38
C SER A 221 19.92 -5.21 3.29
N LEU A 222 20.04 -4.67 2.08
CA LEU A 222 20.61 -5.47 0.98
C LEU A 222 21.97 -4.88 0.62
N ASN A 223 22.13 -3.56 0.74
CA ASN A 223 23.39 -2.86 0.41
C ASN A 223 23.73 -1.99 1.61
N PRO A 224 24.22 -2.59 2.71
CA PRO A 224 24.40 -1.86 3.97
C PRO A 224 25.38 -0.71 3.87
N GLU A 225 26.40 -0.82 3.01
CA GLU A 225 27.37 0.26 2.92
C GLU A 225 26.68 1.53 2.45
N LYS A 226 25.85 1.39 1.40
CA LYS A 226 25.10 2.53 0.89
C LYS A 226 24.07 3.02 1.90
N LEU A 227 23.34 2.09 2.57
CA LEU A 227 22.34 2.51 3.56
C LEU A 227 22.96 3.34 4.69
N VAL A 228 24.16 2.98 5.13
CA VAL A 228 24.85 3.75 6.15
C VAL A 228 25.33 5.09 5.58
N GLU A 229 25.90 5.06 4.37
CA GLU A 229 26.36 6.28 3.73
C GLU A 229 25.24 7.33 3.71
N ILE A 230 23.99 6.91 3.44
CA ILE A 230 22.92 7.90 3.23
C ILE A 230 22.10 8.10 4.50
N ARG A 231 22.49 7.47 5.61
CA ARG A 231 21.85 7.67 6.88
C ARG A 231 20.43 7.10 6.90
N PHE A 232 20.17 6.14 5.99
CA PHE A 232 18.98 5.32 6.16
C PHE A 232 19.17 4.47 7.40
N SER A 233 20.40 3.98 7.54
CA SER A 233 20.86 3.04 8.57
CA SER A 233 20.77 3.11 8.64
C SER A 233 21.99 3.69 9.35
N GLY A 234 22.13 3.30 10.63
CA GLY A 234 23.35 3.53 11.39
C GLY A 234 24.06 2.19 11.62
N ILE A 235 25.34 2.20 12.04
CA ILE A 235 26.05 0.99 12.43
C ILE A 235 25.68 0.68 13.89
N PRO A 236 24.98 -0.44 14.24
CA PRO A 236 24.72 -0.74 15.66
C PRO A 236 26.01 -0.67 16.48
N ALA A 237 25.85 -0.16 17.69
CA ALA A 237 26.95 0.14 18.59
C ALA A 237 27.84 -1.09 18.78
N GLN A 238 27.25 -2.28 18.80
CA GLN A 238 28.09 -3.42 19.14
C GLN A 238 29.09 -3.72 18.02
N TYR A 239 28.88 -3.15 16.84
CA TYR A 239 29.82 -3.37 15.75
C TYR A 239 31.13 -2.62 16.01
N GLN A 240 31.11 -1.65 16.93
CA GLN A 240 32.32 -0.90 17.22
C GLN A 240 33.35 -1.72 17.97
N LYS A 241 32.97 -2.90 18.47
CA LYS A 241 33.85 -3.86 19.12
CA LYS A 241 33.91 -3.79 19.13
C LYS A 241 34.78 -4.49 18.08
N PHE A 242 34.47 -4.27 16.79
CA PHE A 242 35.27 -4.90 15.74
C PHE A 242 36.30 -3.94 15.17
N GLN A 243 37.40 -4.54 14.67
CA GLN A 243 38.42 -3.76 14.01
C GLN A 243 37.84 -3.08 12.76
N ASN A 244 36.92 -3.77 12.06
CA ASN A 244 36.38 -3.22 10.82
C ASN A 244 34.85 -3.32 10.87
N PRO A 245 34.21 -2.35 11.53
CA PRO A 245 32.77 -2.41 11.78
C PRO A 245 32.03 -2.59 10.45
N MET A 246 32.41 -1.83 9.39
CA MET A 246 31.66 -1.94 8.14
C MET A 246 31.82 -3.31 7.49
N ALA A 247 33.02 -3.87 7.51
CA ALA A 247 33.21 -5.19 6.93
C ALA A 247 32.31 -6.22 7.59
N MET A 248 32.17 -6.11 8.91
CA MET A 248 31.35 -7.05 9.65
C MET A 248 29.88 -6.84 9.32
N LEU A 249 29.44 -5.60 9.15
CA LEU A 249 28.08 -5.27 8.78
C LEU A 249 27.77 -5.84 7.41
N LYS A 250 28.67 -5.65 6.44
CA LYS A 250 28.45 -6.20 5.11
CA LYS A 250 28.47 -6.20 5.12
C LYS A 250 28.34 -7.72 5.14
N ARG A 251 29.20 -8.39 5.92
CA ARG A 251 29.17 -9.83 6.02
C ARG A 251 27.82 -10.28 6.61
N ASN A 252 27.33 -9.56 7.61
CA ASN A 252 26.10 -9.87 8.35
CA ASN A 252 26.15 -10.01 8.32
C ASN A 252 24.94 -10.03 7.37
N TYR A 253 24.92 -9.14 6.36
CA TYR A 253 23.76 -9.02 5.46
C TYR A 253 23.96 -9.66 4.09
N GLN A 254 25.10 -10.39 3.91
CA GLN A 254 25.46 -11.02 2.66
CA GLN A 254 25.40 -10.96 2.62
C GLN A 254 24.37 -12.03 2.30
N LEU A 255 24.07 -12.15 1.00
CA LEU A 255 23.08 -13.09 0.50
C LEU A 255 23.68 -13.91 -0.63
N PRO A 256 23.08 -15.10 -0.88
CA PRO A 256 23.45 -15.86 -2.07
C PRO A 256 23.26 -15.04 -3.33
N SER A 257 24.04 -15.37 -4.39
CA SER A 257 23.97 -14.69 -5.67
C SER A 257 22.93 -15.26 -6.63
N ALA A 258 22.34 -16.40 -6.33
CA ALA A 258 21.34 -17.05 -7.14
C ALA A 258 20.30 -17.62 -6.20
N PRO A 259 19.01 -17.70 -6.62
CA PRO A 259 17.97 -18.31 -5.78
C PRO A 259 18.22 -19.76 -5.42
N LYS A 260 17.68 -20.19 -4.30
CA LYS A 260 17.94 -21.51 -3.76
C LYS A 260 16.81 -22.46 -4.15
N ASN A 261 15.61 -21.97 -4.45
CA ASN A 261 14.52 -22.90 -4.63
C ASN A 261 14.58 -23.42 -6.05
N SER A 262 14.59 -24.75 -6.06
CA SER A 262 14.34 -25.51 -7.26
C SER A 262 12.99 -25.07 -7.79
N GLY A 263 13.08 -24.72 -9.04
CA GLY A 263 11.94 -24.47 -9.89
C GLY A 263 11.48 -23.02 -9.83
N LEU A 264 12.29 -22.11 -9.24
CA LEU A 264 11.84 -20.71 -9.21
C LEU A 264 12.00 -20.13 -10.60
N ARG A 265 11.01 -19.37 -11.07
CA ARG A 265 11.10 -18.72 -12.36
C ARG A 265 10.14 -17.52 -12.35
N GLU A 266 10.27 -16.59 -13.28
CA GLU A 266 9.29 -15.51 -13.39
C GLU A 266 7.91 -16.03 -13.75
N MET A 267 6.89 -15.37 -13.19
CA MET A 267 5.49 -15.63 -13.50
C MET A 267 5.19 -15.27 -14.97
N LYS A 268 4.35 -16.13 -15.58
CA LYS A 268 3.90 -15.87 -16.94
C LYS A 268 2.39 -15.92 -17.00
N PRO A 269 1.77 -15.42 -18.09
CA PRO A 269 0.32 -15.36 -18.15
C PRO A 269 -0.40 -16.65 -17.85
N SER A 270 0.15 -17.78 -18.29
CA SER A 270 -0.52 -19.04 -18.05
C SER A 270 -0.59 -19.42 -16.59
N ASP A 271 0.22 -18.75 -15.73
CA ASP A 271 0.19 -19.03 -14.29
C ASP A 271 -0.96 -18.28 -13.59
N VAL A 272 -1.67 -17.38 -14.27
CA VAL A 272 -2.66 -16.58 -13.56
C VAL A 272 -3.70 -17.44 -12.83
N PRO A 273 -4.35 -18.48 -13.41
CA PRO A 273 -5.35 -19.21 -12.62
C PRO A 273 -4.76 -19.87 -11.38
N GLN A 274 -3.59 -20.50 -11.44
CA GLN A 274 -2.98 -21.19 -10.31
CA GLN A 274 -3.07 -21.18 -10.27
C GLN A 274 -2.61 -20.16 -9.23
N VAL A 275 -2.03 -19.03 -9.65
CA VAL A 275 -1.59 -18.01 -8.68
C VAL A 275 -2.85 -17.43 -8.01
N ARG A 276 -3.90 -17.18 -8.78
CA ARG A 276 -5.13 -16.69 -8.20
C ARG A 276 -5.65 -17.66 -7.15
N ARG A 277 -5.70 -18.95 -7.48
CA ARG A 277 -6.16 -19.98 -6.56
CA ARG A 277 -6.24 -19.90 -6.53
C ARG A 277 -5.40 -19.96 -5.25
N ILE A 278 -4.07 -20.13 -5.32
CA ILE A 278 -3.34 -20.24 -4.06
C ILE A 278 -3.33 -18.90 -3.30
N LEU A 279 -3.35 -17.77 -4.01
CA LEU A 279 -3.45 -16.51 -3.29
C LEU A 279 -4.78 -16.35 -2.60
N MET A 280 -5.83 -16.61 -3.36
CA MET A 280 -7.17 -16.48 -2.75
CA MET A 280 -7.19 -16.50 -2.78
C MET A 280 -7.46 -17.41 -1.52
N ASN A 281 -6.86 -18.61 -1.61
CA ASN A 281 -7.01 -19.52 -0.48
CA ASN A 281 -7.01 -19.52 -0.47
C ASN A 281 -6.30 -18.95 0.75
N TYR A 282 -5.10 -18.40 0.54
CA TYR A 282 -4.33 -17.83 1.62
C TYR A 282 -4.97 -16.55 2.17
N LEU A 283 -5.36 -15.64 1.30
CA LEU A 283 -5.89 -14.37 1.77
C LEU A 283 -7.17 -14.53 2.56
N ASP A 284 -7.93 -15.54 2.20
CA ASP A 284 -9.25 -15.81 2.77
CA ASP A 284 -9.27 -15.64 2.77
C ASP A 284 -9.18 -15.92 4.27
N SER A 285 -8.01 -16.34 4.81
CA SER A 285 -7.80 -16.61 6.22
CA SER A 285 -7.81 -16.61 6.23
C SER A 285 -7.70 -15.35 7.09
N PHE A 286 -7.54 -14.18 6.49
CA PHE A 286 -7.39 -12.91 7.20
C PHE A 286 -8.73 -12.19 7.27
N ASP A 287 -8.92 -11.35 8.29
CA ASP A 287 -10.21 -10.67 8.45
C ASP A 287 -10.48 -9.60 7.40
N VAL A 288 -9.41 -8.82 7.00
CA VAL A 288 -9.60 -7.78 6.00
C VAL A 288 -8.67 -8.17 4.85
N GLY A 289 -9.23 -8.36 3.66
CA GLY A 289 -8.34 -8.67 2.54
C GLY A 289 -9.05 -8.54 1.20
N PRO A 290 -8.29 -8.33 0.12
CA PRO A 290 -8.87 -8.14 -1.21
C PRO A 290 -9.25 -9.46 -1.87
N VAL A 291 -10.19 -9.32 -2.81
CA VAL A 291 -10.60 -10.41 -3.69
C VAL A 291 -10.24 -9.99 -5.09
N PHE A 292 -9.49 -10.85 -5.81
CA PHE A 292 -9.01 -10.48 -7.12
C PHE A 292 -9.61 -11.39 -8.18
N SER A 293 -9.99 -10.76 -9.29
CA SER A 293 -10.40 -11.47 -10.50
C SER A 293 -9.14 -11.94 -11.22
N ASP A 294 -9.28 -12.77 -12.25
CA ASP A 294 -8.12 -13.10 -13.08
C ASP A 294 -7.50 -11.85 -13.67
N ALA A 295 -8.31 -10.88 -14.14
CA ALA A 295 -7.76 -9.69 -14.75
C ALA A 295 -6.95 -8.91 -13.71
N GLU A 296 -7.44 -8.87 -12.47
CA GLU A 296 -6.71 -8.14 -11.43
C GLU A 296 -5.43 -8.88 -11.00
N ILE A 297 -5.44 -10.21 -10.91
CA ILE A 297 -4.21 -10.98 -10.70
C ILE A 297 -3.22 -10.65 -11.82
N SER A 298 -3.64 -10.70 -13.08
CA SER A 298 -2.77 -10.37 -14.20
CA SER A 298 -2.73 -10.39 -14.16
C SER A 298 -2.15 -8.98 -14.00
N HIS A 299 -3.02 -7.98 -13.75
CA HIS A 299 -2.57 -6.61 -13.65
C HIS A 299 -1.57 -6.42 -12.49
N TYR A 300 -1.93 -6.91 -11.30
CA TYR A 300 -1.09 -6.57 -10.14
C TYR A 300 0.10 -7.51 -9.96
N LEU A 301 0.12 -8.68 -10.64
CA LEU A 301 1.21 -9.62 -10.40
C LEU A 301 2.06 -9.96 -11.60
N LEU A 302 1.57 -9.82 -12.86
CA LEU A 302 2.49 -10.17 -13.94
C LEU A 302 3.68 -9.22 -13.95
N PRO A 303 4.93 -9.72 -14.17
CA PRO A 303 6.10 -8.86 -14.19
C PRO A 303 5.94 -7.65 -15.11
N ARG A 304 6.37 -6.50 -14.62
CA ARG A 304 6.45 -5.25 -15.40
C ARG A 304 7.79 -4.62 -15.09
N ASP A 305 8.57 -4.31 -16.11
CA ASP A 305 9.94 -3.85 -15.89
C ASP A 305 9.98 -2.56 -15.09
N GLY A 306 10.85 -2.57 -14.08
CA GLY A 306 11.05 -1.45 -13.20
C GLY A 306 9.95 -1.30 -12.15
N VAL A 307 8.88 -2.13 -12.22
CA VAL A 307 7.72 -1.85 -11.40
C VAL A 307 7.37 -3.00 -10.45
N VAL A 308 7.04 -4.15 -11.01
CA VAL A 308 6.65 -5.28 -10.17
C VAL A 308 7.35 -6.52 -10.73
N PHE A 309 7.77 -7.37 -9.77
CA PHE A 309 8.60 -8.55 -9.99
C PHE A 309 7.93 -9.73 -9.31
N THR A 310 7.62 -10.79 -10.05
CA THR A 310 6.85 -11.88 -9.47
C THR A 310 7.43 -13.20 -9.97
N TYR A 311 7.65 -14.10 -9.01
CA TYR A 311 8.29 -15.39 -9.26
C TYR A 311 7.36 -16.46 -8.71
N VAL A 312 7.26 -17.58 -9.46
CA VAL A 312 6.58 -18.76 -8.97
C VAL A 312 7.59 -19.90 -8.74
N VAL A 313 7.25 -20.78 -7.78
CA VAL A 313 7.94 -22.07 -7.66
C VAL A 313 7.10 -23.08 -8.42
N GLU A 314 7.71 -23.59 -9.48
CA GLU A 314 7.12 -24.67 -10.24
C GLU A 314 8.08 -25.84 -10.28
N ASN A 315 7.59 -26.92 -9.67
CA ASN A 315 8.31 -28.17 -9.78
C ASN A 315 7.34 -29.19 -10.34
N ASP A 316 7.86 -29.97 -11.29
CA ASP A 316 7.06 -31.06 -11.83
CA ASP A 316 7.13 -31.02 -11.99
C ASP A 316 5.74 -30.50 -12.37
N LYS A 317 5.82 -29.36 -13.07
CA LYS A 317 4.74 -28.77 -13.85
C LYS A 317 3.59 -28.22 -13.03
N LYS A 318 3.76 -28.01 -11.71
CA LYS A 318 2.70 -27.36 -10.97
CA LYS A 318 2.73 -27.42 -10.88
C LYS A 318 3.27 -26.19 -10.15
N VAL A 319 2.55 -25.08 -10.22
CA VAL A 319 2.88 -23.89 -9.40
C VAL A 319 2.35 -24.08 -8.00
N THR A 320 3.28 -24.12 -7.03
CA THR A 320 2.96 -24.43 -5.64
C THR A 320 3.17 -23.23 -4.70
N ASP A 321 3.92 -22.22 -5.16
CA ASP A 321 4.25 -21.08 -4.32
C ASP A 321 4.51 -19.91 -5.26
N PHE A 322 4.45 -18.68 -4.70
CA PHE A 322 4.88 -17.54 -5.48
C PHE A 322 5.17 -16.38 -4.52
N PHE A 323 6.03 -15.47 -4.99
CA PHE A 323 6.13 -14.18 -4.29
C PHE A 323 6.20 -13.04 -5.30
N SER A 324 5.87 -11.84 -4.80
CA SER A 324 5.99 -10.66 -5.64
C SER A 324 6.59 -9.53 -4.79
N PHE A 325 7.32 -8.64 -5.47
CA PHE A 325 7.76 -7.38 -4.83
C PHE A 325 7.64 -6.26 -5.85
N TYR A 326 7.48 -5.03 -5.35
CA TYR A 326 7.47 -3.87 -6.25
C TYR A 326 8.53 -2.85 -5.84
N ARG A 327 8.86 -1.96 -6.80
CA ARG A 327 9.93 -0.99 -6.63
C ARG A 327 9.38 0.41 -6.37
N ILE A 328 9.86 1.02 -5.28
CA ILE A 328 9.58 2.45 -5.12
C ILE A 328 10.92 3.08 -4.77
N PRO A 329 11.54 3.80 -5.70
CA PRO A 329 12.73 4.55 -5.35
C PRO A 329 12.42 5.83 -4.56
N SER A 330 13.39 6.29 -3.79
CA SER A 330 13.28 7.59 -3.13
C SER A 330 14.45 8.47 -3.55
N THR A 331 14.19 9.79 -3.67
CA THR A 331 15.23 10.79 -3.84
C THR A 331 15.98 10.88 -2.53
N VAL A 332 17.31 10.83 -2.61
CA VAL A 332 18.15 11.08 -1.45
C VAL A 332 18.55 12.53 -1.54
N ILE A 333 18.16 13.33 -0.55
CA ILE A 333 18.17 14.77 -0.72
C ILE A 333 19.51 15.43 -0.50
N GLY A 334 20.29 15.05 0.50
CA GLY A 334 21.41 15.91 0.90
C GLY A 334 22.76 15.17 1.09
N ASN A 335 22.96 14.08 0.34
CA ASN A 335 24.18 13.26 0.43
C ASN A 335 25.07 13.53 -0.78
N SER A 336 26.41 13.45 -0.60
CA SER A 336 27.35 13.74 -1.69
C SER A 336 27.53 12.59 -2.69
N ASN A 337 27.17 11.35 -2.32
CA ASN A 337 27.60 10.20 -3.10
C ASN A 337 26.44 9.51 -3.83
N TYR A 338 25.22 9.66 -3.29
CA TYR A 338 24.07 9.04 -3.92
C TYR A 338 22.90 10.03 -3.98
N ASN A 339 22.10 9.89 -5.03
CA ASN A 339 20.89 10.71 -5.01
CA ASN A 339 20.90 10.67 -5.34
C ASN A 339 19.63 9.84 -5.13
N LEU A 340 19.79 8.49 -5.11
CA LEU A 340 18.60 7.62 -5.16
C LEU A 340 18.75 6.41 -4.26
N LEU A 341 17.66 6.06 -3.55
CA LEU A 341 17.51 4.86 -2.72
C LEU A 341 16.58 3.91 -3.46
N ASN A 342 17.05 2.69 -3.78
CA ASN A 342 16.24 1.78 -4.60
C ASN A 342 15.64 0.73 -3.66
N ALA A 343 14.35 0.90 -3.33
CA ALA A 343 13.69 0.05 -2.35
C ALA A 343 12.74 -0.94 -3.03
N ALA A 344 12.86 -2.19 -2.61
CA ALA A 344 11.93 -3.29 -2.96
C ALA A 344 10.93 -3.48 -1.82
N TYR A 345 9.67 -3.67 -2.12
CA TYR A 345 8.63 -3.82 -1.08
C TYR A 345 7.97 -5.16 -1.26
N VAL A 346 7.84 -5.96 -0.19
CA VAL A 346 7.15 -7.24 -0.24
C VAL A 346 5.68 -7.00 -0.59
N HIS A 347 5.21 -7.68 -1.65
CA HIS A 347 3.85 -7.54 -2.14
C HIS A 347 3.07 -8.76 -1.70
N TYR A 348 2.23 -9.35 -2.53
CA TYR A 348 1.57 -10.60 -2.19
C TYR A 348 2.47 -11.81 -2.41
N TYR A 349 2.11 -12.89 -1.73
CA TYR A 349 2.83 -14.14 -1.82
C TYR A 349 1.90 -15.25 -1.37
N ALA A 350 2.29 -16.52 -1.61
CA ALA A 350 1.57 -17.66 -1.03
C ALA A 350 2.50 -18.87 -1.07
N ALA A 351 2.60 -19.56 0.07
CA ALA A 351 3.49 -20.71 0.16
C ALA A 351 2.67 -21.94 0.49
N THR A 352 2.81 -22.99 -0.32
CA THR A 352 2.13 -24.25 0.00
C THR A 352 3.11 -25.40 0.08
N SER A 353 4.32 -25.31 -0.45
CA SER A 353 5.23 -26.45 -0.52
C SER A 353 6.45 -26.28 0.36
N ILE A 354 6.74 -25.02 0.76
CA ILE A 354 7.95 -24.70 1.48
C ILE A 354 7.61 -23.70 2.55
N PRO A 355 8.42 -23.61 3.62
CA PRO A 355 8.16 -22.61 4.65
C PRO A 355 8.30 -21.22 4.03
N LEU A 356 7.55 -20.30 4.61
CA LEU A 356 7.55 -18.94 4.09
CA LEU A 356 7.54 -18.92 4.13
C LEU A 356 8.94 -18.31 4.15
N HIS A 357 9.70 -18.54 5.24
CA HIS A 357 11.06 -17.99 5.24
C HIS A 357 11.89 -18.42 4.03
N GLN A 358 11.71 -19.67 3.55
CA GLN A 358 12.50 -20.16 2.45
C GLN A 358 12.05 -19.51 1.13
N LEU A 359 10.74 -19.23 1.06
CA LEU A 359 10.23 -18.52 -0.15
C LEU A 359 10.77 -17.09 -0.20
N ILE A 360 10.67 -16.42 0.95
CA ILE A 360 11.06 -15.01 0.99
C ILE A 360 12.58 -14.79 0.97
N LEU A 361 13.38 -15.80 1.40
CA LEU A 361 14.80 -15.65 1.17
C LEU A 361 15.09 -15.48 -0.33
N ASP A 362 14.35 -16.22 -1.18
CA ASP A 362 14.61 -16.03 -2.62
C ASP A 362 14.16 -14.67 -3.14
N LEU A 363 13.13 -14.08 -2.52
CA LEU A 363 12.82 -12.66 -2.77
C LEU A 363 14.00 -11.73 -2.48
N LEU A 364 14.62 -11.89 -1.30
CA LEU A 364 15.76 -11.06 -0.98
C LEU A 364 16.92 -11.30 -1.96
N ILE A 365 17.15 -12.59 -2.31
CA ILE A 365 18.24 -12.87 -3.24
C ILE A 365 17.99 -12.20 -4.57
N VAL A 366 16.76 -12.34 -5.09
CA VAL A 366 16.47 -11.73 -6.39
C VAL A 366 16.54 -10.21 -6.32
N ALA A 367 15.98 -9.64 -5.24
CA ALA A 367 16.00 -8.18 -5.15
C ALA A 367 17.47 -7.69 -5.09
N HIS A 368 18.31 -8.35 -4.27
CA HIS A 368 19.71 -7.92 -4.19
C HIS A 368 20.39 -8.08 -5.55
N SER A 369 20.15 -9.19 -6.27
CA SER A 369 20.73 -9.40 -7.60
CA SER A 369 20.81 -9.36 -7.57
C SER A 369 20.37 -8.30 -8.57
N ARG A 370 19.16 -7.78 -8.45
CA ARG A 370 18.65 -6.75 -9.34
C ARG A 370 19.02 -5.35 -8.89
N GLY A 371 19.84 -5.21 -7.85
CA GLY A 371 20.39 -3.92 -7.46
C GLY A 371 19.46 -3.08 -6.57
N PHE A 372 18.58 -3.75 -5.80
CA PHE A 372 17.88 -3.04 -4.75
C PHE A 372 18.76 -2.88 -3.50
N ASP A 373 18.50 -1.79 -2.78
CA ASP A 373 19.34 -1.45 -1.64
C ASP A 373 18.77 -1.98 -0.33
N VAL A 374 17.43 -2.16 -0.29
CA VAL A 374 16.72 -2.50 0.96
C VAL A 374 15.42 -3.16 0.51
N CYS A 375 14.91 -4.03 1.39
CA CYS A 375 13.57 -4.58 1.22
C CYS A 375 12.72 -4.15 2.39
N ASN A 376 11.55 -3.59 2.09
CA ASN A 376 10.65 -3.04 3.11
C ASN A 376 9.35 -3.83 3.14
N MET A 377 8.68 -3.77 4.29
CA MET A 377 7.36 -4.37 4.41
C MET A 377 6.71 -3.90 5.69
N VAL A 378 5.39 -4.00 5.78
CA VAL A 378 4.65 -3.79 7.03
C VAL A 378 4.36 -5.16 7.62
N GLU A 379 4.18 -5.23 8.95
CA GLU A 379 3.90 -6.52 9.61
C GLU A 379 2.46 -7.02 9.42
N ILE A 380 1.96 -6.90 8.20
CA ILE A 380 0.66 -7.48 7.80
C ILE A 380 0.87 -8.90 7.28
N LEU A 381 -0.20 -9.60 6.89
CA LEU A 381 -0.11 -10.98 6.37
C LEU A 381 0.62 -11.86 7.40
N ASP A 382 1.54 -12.70 6.97
CA ASP A 382 2.39 -13.49 7.91
C ASP A 382 3.82 -12.95 7.86
N ASN A 383 3.94 -11.66 7.61
CA ASN A 383 5.26 -11.08 7.49
C ASN A 383 6.10 -11.25 8.79
N ARG A 384 5.46 -11.35 9.97
CA ARG A 384 6.24 -11.52 11.18
C ARG A 384 6.90 -12.87 11.24
N SER A 385 6.45 -13.85 10.44
CA SER A 385 6.95 -15.21 10.60
CA SER A 385 6.93 -15.23 10.52
C SER A 385 8.38 -15.38 10.07
N PHE A 386 8.91 -14.40 9.30
CA PHE A 386 10.27 -14.55 8.80
C PHE A 386 11.17 -13.37 9.15
N VAL A 387 10.71 -12.46 10.01
CA VAL A 387 11.49 -11.28 10.40
C VAL A 387 12.86 -11.67 10.95
N GLU A 388 12.91 -12.58 11.93
CA GLU A 388 14.18 -12.76 12.65
C GLU A 388 15.18 -13.55 11.81
N GLN A 389 14.73 -14.66 11.21
CA GLN A 389 15.66 -15.49 10.48
C GLN A 389 16.24 -14.72 9.31
N LEU A 390 15.38 -13.91 8.64
CA LEU A 390 15.81 -13.21 7.43
C LEU A 390 16.39 -11.83 7.74
N LYS A 391 16.58 -11.50 9.03
CA LYS A 391 17.34 -10.33 9.46
CA LYS A 391 17.34 -10.32 9.47
C LYS A 391 16.67 -9.01 9.10
N PHE A 392 15.32 -8.99 9.12
CA PHE A 392 14.62 -7.70 9.07
C PHE A 392 14.73 -7.05 10.45
N GLY A 393 14.66 -5.74 10.46
CA GLY A 393 14.59 -5.01 11.72
C GLY A 393 13.40 -4.06 11.64
N ALA A 394 12.76 -3.78 12.78
CA ALA A 394 11.72 -2.77 12.81
C ALA A 394 12.29 -1.38 12.66
N GLY A 395 11.59 -0.58 11.83
CA GLY A 395 11.98 0.80 11.65
C GLY A 395 11.17 1.67 12.60
N ASP A 396 11.23 2.99 12.48
CA ASP A 396 10.46 3.77 13.45
C ASP A 396 9.09 4.14 12.89
N GLY A 397 8.83 3.69 11.67
CA GLY A 397 7.58 4.13 11.07
C GLY A 397 6.51 3.08 11.26
N HIS A 398 5.29 3.54 11.05
CA HIS A 398 4.15 2.65 11.07
C HIS A 398 3.29 2.95 9.84
N LEU A 399 2.49 1.96 9.50
CA LEU A 399 1.40 2.21 8.56
C LEU A 399 0.09 1.98 9.30
N ARG A 400 -0.77 2.99 9.31
CA ARG A 400 -2.08 2.86 9.92
C ARG A 400 -3.13 2.69 8.83
N TYR A 401 -4.07 1.78 9.08
CA TYR A 401 -5.13 1.40 8.15
C TYR A 401 -6.44 2.04 8.63
N TYR A 402 -7.14 2.66 7.67
CA TYR A 402 -8.37 3.39 7.97
C TYR A 402 -9.46 3.00 7.00
N PHE A 403 -10.72 3.10 7.49
CA PHE A 403 -11.87 3.06 6.60
C PHE A 403 -12.59 4.40 6.65
N TYR A 404 -13.20 4.82 5.53
CA TYR A 404 -14.13 5.94 5.45
C TYR A 404 -15.55 5.39 5.42
N ASN A 405 -16.37 5.81 6.38
CA ASN A 405 -17.79 5.42 6.45
C ASN A 405 -17.92 3.91 6.70
N TRP A 406 -17.10 3.38 7.60
CA TRP A 406 -17.23 1.98 7.95
C TRP A 406 -16.80 1.82 9.38
N ALA A 407 -17.74 1.40 10.24
CA ALA A 407 -17.40 1.05 11.60
C ALA A 407 -16.76 -0.32 11.61
N TYR A 408 -15.66 -0.49 12.34
CA TYR A 408 -14.93 -1.73 12.27
C TYR A 408 -14.20 -1.94 13.60
N PRO A 409 -14.21 -3.14 14.20
CA PRO A 409 -13.44 -3.37 15.40
C PRO A 409 -11.94 -3.23 15.17
N LYS A 410 -11.23 -2.85 16.20
CA LYS A 410 -9.77 -2.86 16.14
C LYS A 410 -9.30 -4.27 15.91
N ILE A 411 -8.39 -4.47 14.94
CA ILE A 411 -7.77 -5.75 14.69
C ILE A 411 -6.25 -5.61 14.70
N LYS A 412 -5.58 -6.75 14.87
CA LYS A 412 -4.12 -6.77 14.81
C LYS A 412 -3.68 -6.69 13.36
N PRO A 413 -2.48 -6.14 13.07
CA PRO A 413 -2.06 -6.07 11.66
C PRO A 413 -1.89 -7.44 11.01
N SER A 414 -1.64 -8.50 11.79
CA SER A 414 -1.57 -9.85 11.21
C SER A 414 -2.96 -10.42 10.87
N GLN A 415 -4.00 -9.60 11.00
CA GLN A 415 -5.28 -9.99 10.43
CA GLN A 415 -5.35 -9.87 10.56
C GLN A 415 -5.67 -9.13 9.23
N VAL A 416 -4.68 -8.37 8.69
CA VAL A 416 -4.88 -7.54 7.50
C VAL A 416 -4.06 -8.16 6.36
N ALA A 417 -4.71 -8.30 5.20
CA ALA A 417 -4.11 -8.92 4.01
C ALA A 417 -4.11 -7.94 2.82
N LEU A 418 -4.45 -6.67 3.05
CA LEU A 418 -4.42 -5.68 1.98
C LEU A 418 -3.07 -4.94 1.91
N VAL A 419 -2.32 -5.16 0.81
CA VAL A 419 -1.06 -4.41 0.59
C VAL A 419 -1.41 -3.08 -0.06
N MET A 420 -0.85 -2.01 0.51
CA MET A 420 -1.11 -0.69 -0.06
C MET A 420 0.17 -0.12 -0.67
N LEU A 421 0.04 0.30 -1.94
CA LEU A 421 1.22 0.71 -2.70
C LEU A 421 1.73 2.09 -2.29
S1 MYA B . -1.34 9.34 3.03
C2 MYA B . -0.05 10.30 2.17
C3 MYA B . -0.42 11.78 2.31
N4 MYA B . 0.54 12.62 1.56
C5 MYA B . 1.63 13.20 2.09
O5 MYA B . 1.97 13.03 3.28
C6 MYA B . 2.43 14.02 1.11
C7 MYA B . 3.09 15.26 1.78
N8 MYA B . 2.10 16.13 2.46
C9 MYA B . 1.15 16.75 1.86
O9 MYA B . 1.05 16.72 0.61
C10 MYA B . 0.18 17.57 2.68
O10 MYA B . 0.79 17.81 3.92
C11 MYA B . -1.20 16.86 2.86
C12 MYA B . -2.04 17.64 3.80
C13 MYA B . -1.06 15.46 3.43
C14 MYA B . -1.91 16.76 1.49
N1A MYA B . -4.62 12.02 5.25
O1A MYA B . -4.65 21.25 3.47
P1A MYA B . -4.40 21.23 4.87
C1X MYA B . -5.57 16.50 7.52
C2A MYA B . -5.78 12.61 5.60
O2A MYA B . -4.40 22.56 5.54
P2A MYA B . -1.74 20.25 4.28
C2M MYA B . -2.52 9.22 1.77
O2M MYA B . -2.27 9.52 0.60
C2X MYA B . -5.17 17.20 8.83
O2X MYA B . -5.40 16.33 9.89
N3A MYA B . -5.88 13.81 6.20
O3A MYA B . -3.01 20.49 5.25
C3M MYA B . -3.88 8.73 2.14
C3X MYA B . -6.13 18.37 8.76
O3X MYA B . -7.47 17.98 9.16
P3X MYA B . -8.01 18.30 10.65
C4A MYA B . -4.72 14.46 6.47
O4A MYA B . -0.63 19.87 5.13
C4M MYA B . -4.83 9.96 2.09
C4X MYA B . -6.21 18.75 7.29
O4X MYA B . -5.67 17.58 6.60
C5A MYA B . -3.53 13.90 6.15
O5A MYA B . -1.53 21.35 3.36
C5M MYA B . -6.21 9.61 2.66
C5X MYA B . -5.30 19.91 6.95
O5X MYA B . -5.41 20.25 5.57
C6A MYA B . -3.50 12.65 5.53
N6A MYA B . -2.32 12.02 5.22
O6A MYA B . -2.14 19.00 3.31
C6M MYA B . -7.15 10.82 2.55
N7A MYA B . -2.56 14.80 6.54
O7A MYA B . -7.02 17.63 11.59
C7M MYA B . -8.55 10.59 3.14
C8A MYA B . -3.19 15.86 7.06
O8A MYA B . -7.96 19.78 10.70
C8M MYA B . -9.39 9.70 2.19
N9A MYA B . -4.53 15.62 7.04
O9A MYA B . -9.38 17.68 10.75
C9M MYA B . -10.86 9.64 2.69
CAM MYA B . -11.78 8.81 1.77
CBM MYA B . -12.27 9.65 0.59
CCM MYA B . -13.18 8.84 -0.40
CDM MYA B . -14.45 8.32 0.28
CEM MYA B . -15.30 7.59 -0.79
CFM MYA B . -16.53 6.99 -0.10
MG MG C . -3.42 23.30 2.05
N4 HXE D . 2.51 8.13 4.59
C13 HXE D . 3.57 7.64 4.85
C12 HXE D . 4.84 7.03 5.30
C11 HXE D . 4.83 5.64 6.07
N3 HXE D . 6.24 5.20 6.12
C10 HXE D . 7.06 5.34 7.34
C9 HXE D . 6.83 4.51 5.06
N2 HXE D . 5.97 4.51 4.02
C14 HXE D . 8.00 3.84 5.03
C17 HXE D . 8.37 3.19 3.88
C16 HXE D . 9.61 2.56 3.80
C15 HXE D . 10.27 2.69 5.03
S HXE D . 9.38 3.62 6.11
N5 HXE D . 7.54 3.18 2.79
C8 HXE D . 6.34 3.82 2.92
N1 HXE D . 5.42 3.84 1.89
C7 HXE D . 5.82 3.31 0.59
C4 HXE D . 3.93 4.28 2.07
C3 HXE D . 3.14 3.17 1.34
C2 HXE D . 1.61 3.40 1.34
C5 HXE D . 3.70 5.62 1.34
C6 HXE D . 2.17 5.93 1.63
N HXE D . 1.27 4.83 1.21
C1 HXE D . -0.20 5.00 1.02
C HXE D . -0.58 6.39 1.33
N4 HXE E . 12.78 3.15 1.46
C13 HXE E . 12.20 4.08 1.90
C12 HXE E . 11.39 5.19 2.34
C11 HXE E . 12.17 6.50 2.11
N3 HXE E . 11.30 7.49 2.75
C10 HXE E . 10.62 8.48 1.86
C9 HXE E . 11.16 7.58 4.13
N2 HXE E . 12.02 6.90 4.85
C14 HXE E . 10.08 8.23 4.79
C17 HXE E . 9.98 8.17 6.18
C16 HXE E . 8.88 8.84 6.77
C15 HXE E . 8.06 9.45 5.83
S HXE E . 8.76 9.09 4.23
N5 HXE E . 10.91 7.53 6.90
C8 HXE E . 11.92 6.89 6.23
N1 HXE E . 12.94 6.23 6.92
C7 HXE E . 13.75 5.31 6.14
C4 HXE E . 13.21 6.54 8.36
C3 HXE E . 14.15 7.75 8.40
C2 HXE E . 14.31 8.12 9.88
C5 HXE E . 13.83 5.33 9.09
C6 HXE E . 15.14 5.69 9.80
N HXE E . 15.00 6.99 10.51
C1 HXE E . 15.57 7.14 11.87
C HXE E . 14.96 8.23 12.76
#